data_1PWB
#
_entry.id   1PWB
#
_cell.length_a   55.480
_cell.length_b   108.300
_cell.length_c   55.780
_cell.angle_alpha   90.00
_cell.angle_beta   91.43
_cell.angle_gamma   90.00
#
_symmetry.space_group_name_H-M   'P 1 21 1'
#
loop_
_entity.id
_entity.type
_entity.pdbx_description
1 polymer 'Pulmonary surfactant-associated protein D'
2 branched alpha-D-glucopyranose-(1-4)-alpha-D-glucopyranose
3 non-polymer 'CALCIUM ION'
4 non-polymer alpha-D-glucopyranose
5 water water
#
_entity_poly.entity_id   1
_entity_poly.type   'polypeptide(L)'
_entity_poly.pdbx_seq_one_letter_code
;GSPGLKGDKGIPGDKGAKGESGLPDVASLRQQVEALQGQVQHLQAAFSQYKKVELFPNGQSVGEKIFKTAGFVKPFTEAQ
LLCTQAGGQLASPRSAAENAALQQLVVAKNEAAFLSMTDSKTEGKFTYPTGESLVYSNWAPGEPNDDGGSEDCVEIFTNG
KWNDRACGEKRLVVCEF
;
_entity_poly.pdbx_strand_id   A,B,C
#
loop_
_chem_comp.id
_chem_comp.type
_chem_comp.name
_chem_comp.formula
CA non-polymer 'CALCIUM ION' 'Ca 2'
GLC D-saccharide, alpha linking alpha-D-glucopyranose 'C6 H12 O6'
#
# COMPACT_ATOMS: atom_id res chain seq x y z
N ALA A 27 7.29 -0.99 -44.06
CA ALA A 27 5.96 -0.68 -43.46
C ALA A 27 5.66 -1.72 -42.37
N SER A 28 6.55 -2.71 -42.28
CA SER A 28 6.43 -3.77 -41.30
C SER A 28 6.91 -3.23 -39.96
N LEU A 29 7.79 -2.23 -40.01
CA LEU A 29 8.31 -1.62 -38.80
C LEU A 29 7.25 -0.61 -38.36
N ARG A 30 6.59 0.01 -39.34
CA ARG A 30 5.54 0.98 -39.07
C ARG A 30 4.45 0.32 -38.23
N GLN A 31 4.02 -0.87 -38.67
CA GLN A 31 2.98 -1.62 -37.98
C GLN A 31 3.48 -2.16 -36.64
N GLN A 32 4.77 -2.47 -36.59
CA GLN A 32 5.37 -2.99 -35.37
C GLN A 32 5.43 -1.89 -34.32
N VAL A 33 5.79 -0.69 -34.76
CA VAL A 33 5.89 0.47 -33.88
C VAL A 33 4.49 0.85 -33.40
N GLU A 34 3.52 0.71 -34.30
CA GLU A 34 2.14 1.02 -33.98
C GLU A 34 1.66 0.08 -32.88
N ALA A 35 2.01 -1.20 -33.01
CA ALA A 35 1.62 -2.21 -32.03
C ALA A 35 2.26 -1.93 -30.68
N LEU A 36 3.57 -1.75 -30.69
CA LEU A 36 4.32 -1.48 -29.48
C LEU A 36 3.79 -0.25 -28.74
N GLN A 37 3.41 0.78 -29.48
CA GLN A 37 2.91 1.99 -28.85
C GLN A 37 1.58 1.78 -28.16
N GLY A 38 0.72 0.96 -28.78
CA GLY A 38 -0.57 0.66 -28.18
C GLY A 38 -0.35 -0.02 -26.84
N GLN A 39 0.59 -0.96 -26.81
CA GLN A 39 0.91 -1.69 -25.60
C GLN A 39 1.48 -0.73 -24.55
N VAL A 40 2.31 0.18 -25.01
CA VAL A 40 2.94 1.15 -24.12
C VAL A 40 1.90 2.11 -23.55
N GLN A 41 0.98 2.55 -24.39
CA GLN A 41 -0.03 3.47 -23.91
C GLN A 41 -1.01 2.76 -22.97
N HIS A 42 -1.26 1.48 -23.20
CA HIS A 42 -2.14 0.72 -22.32
C HIS A 42 -1.45 0.57 -20.96
N LEU A 43 -0.13 0.37 -21.00
CA LEU A 43 0.67 0.22 -19.78
C LEU A 43 0.67 1.54 -19.01
N GLN A 44 0.75 2.65 -19.74
CA GLN A 44 0.74 3.98 -19.12
C GLN A 44 -0.57 4.20 -18.38
N ALA A 45 -1.68 3.80 -18.99
CA ALA A 45 -2.99 3.95 -18.38
C ALA A 45 -3.11 3.08 -17.11
N ALA A 46 -2.67 1.83 -17.21
CA ALA A 46 -2.73 0.91 -16.07
C ALA A 46 -1.84 1.41 -14.94
N PHE A 47 -0.64 1.85 -15.30
CA PHE A 47 0.28 2.35 -14.30
C PHE A 47 -0.29 3.57 -13.56
N SER A 48 -0.89 4.49 -14.31
CA SER A 48 -1.47 5.70 -13.74
C SER A 48 -2.56 5.34 -12.72
N GLN A 49 -3.38 4.36 -13.07
CA GLN A 49 -4.46 3.92 -12.18
C GLN A 49 -3.88 3.29 -10.92
N TYR A 50 -2.89 2.41 -11.09
CA TYR A 50 -2.29 1.76 -9.93
C TYR A 50 -1.51 2.72 -9.03
N LYS A 51 -1.01 3.81 -9.61
CA LYS A 51 -0.29 4.79 -8.82
C LYS A 51 -1.26 5.52 -7.88
N LYS A 52 -2.45 5.87 -8.39
CA LYS A 52 -3.46 6.56 -7.57
C LYS A 52 -3.89 5.64 -6.42
N VAL A 53 -4.08 4.36 -6.74
CA VAL A 53 -4.48 3.36 -5.76
C VAL A 53 -3.39 3.25 -4.67
N GLU A 54 -2.14 3.23 -5.11
CA GLU A 54 -1.00 3.08 -4.22
C GLU A 54 -0.90 4.20 -3.19
N LEU A 55 -1.16 5.42 -3.62
CA LEU A 55 -1.04 6.58 -2.74
C LEU A 55 -2.20 6.75 -1.77
N PHE A 56 -3.30 6.03 -1.99
CA PHE A 56 -4.44 6.15 -1.09
C PHE A 56 -4.40 5.08 -0.01
N PRO A 57 -4.42 5.47 1.27
CA PRO A 57 -4.47 6.81 1.85
C PRO A 57 -3.17 7.28 2.52
N ASN A 58 -2.08 6.53 2.37
CA ASN A 58 -0.85 6.90 3.06
C ASN A 58 0.22 7.63 2.29
N GLY A 59 -0.07 8.02 1.05
CA GLY A 59 0.92 8.73 0.26
C GLY A 59 0.43 10.05 -0.31
N GLN A 60 1.38 10.87 -0.77
CA GLN A 60 1.07 12.16 -1.38
C GLN A 60 2.12 12.44 -2.45
N SER A 61 1.66 12.76 -3.65
CA SER A 61 2.58 13.07 -4.73
C SER A 61 2.58 14.59 -4.93
N VAL A 62 3.76 15.17 -5.10
CA VAL A 62 3.91 16.60 -5.33
C VAL A 62 5.09 16.76 -6.26
N GLY A 63 4.83 17.22 -7.48
CA GLY A 63 5.90 17.35 -8.45
C GLY A 63 6.36 15.95 -8.78
N GLU A 64 7.67 15.72 -8.80
CA GLU A 64 8.21 14.39 -9.10
C GLU A 64 8.54 13.65 -7.79
N LYS A 65 8.15 14.25 -6.68
CA LYS A 65 8.40 13.68 -5.36
C LYS A 65 7.17 12.95 -4.80
N ILE A 66 7.41 11.88 -4.05
CA ILE A 66 6.33 11.14 -3.43
C ILE A 66 6.62 10.94 -1.94
N PHE A 67 5.69 11.37 -1.10
CA PHE A 67 5.80 11.20 0.35
C PHE A 67 4.93 10.00 0.71
N LYS A 68 5.41 9.15 1.61
CA LYS A 68 4.61 8.03 2.07
C LYS A 68 4.91 7.78 3.53
N THR A 69 3.86 7.68 4.34
CA THR A 69 4.05 7.42 5.76
C THR A 69 3.94 5.94 6.06
N ALA A 70 4.71 5.50 7.07
CA ALA A 70 4.69 4.11 7.49
C ALA A 70 3.48 3.91 8.39
N GLY A 71 2.91 5.01 8.87
CA GLY A 71 1.75 4.91 9.73
C GLY A 71 2.04 4.73 11.20
N PHE A 72 3.31 4.69 11.59
CA PHE A 72 3.68 4.54 13.00
C PHE A 72 4.79 5.53 13.37
N VAL A 73 5.08 5.65 14.66
CA VAL A 73 6.12 6.56 15.13
C VAL A 73 7.40 5.84 15.54
N LYS A 74 8.52 6.54 15.45
CA LYS A 74 9.83 6.00 15.80
C LYS A 74 10.80 7.14 16.13
N PRO A 75 11.84 6.88 16.92
CA PRO A 75 12.81 7.95 17.22
C PRO A 75 13.50 8.27 15.89
N PHE A 76 14.16 9.41 15.81
CA PHE A 76 14.81 9.83 14.56
C PHE A 76 15.76 8.84 13.90
N THR A 77 16.73 8.31 14.64
CA THR A 77 17.69 7.39 14.05
C THR A 77 17.03 6.18 13.40
N GLU A 78 16.06 5.59 14.10
CA GLU A 78 15.35 4.44 13.58
C GLU A 78 14.51 4.81 12.36
N ALA A 79 13.90 5.99 12.39
CA ALA A 79 13.07 6.45 11.28
C ALA A 79 13.95 6.69 10.05
N GLN A 80 15.12 7.29 10.28
CA GLN A 80 16.06 7.60 9.19
C GLN A 80 16.55 6.31 8.52
N LEU A 81 16.81 5.29 9.34
CA LEU A 81 17.28 4.02 8.83
C LEU A 81 16.20 3.34 7.99
N LEU A 82 14.95 3.42 8.43
CA LEU A 82 13.83 2.82 7.70
C LEU A 82 13.72 3.43 6.31
N CYS A 83 13.81 4.75 6.21
CA CYS A 83 13.71 5.42 4.91
C CYS A 83 14.89 5.12 3.98
N THR A 84 16.11 5.15 4.51
CA THR A 84 17.28 4.88 3.68
C THR A 84 17.30 3.42 3.23
N GLN A 85 16.95 2.49 4.10
CA GLN A 85 16.93 1.08 3.72
C GLN A 85 15.88 0.83 2.63
N ALA A 86 14.85 1.67 2.61
CA ALA A 86 13.78 1.55 1.63
C ALA A 86 14.14 2.22 0.30
N GLY A 87 15.33 2.79 0.23
CA GLY A 87 15.78 3.44 -0.99
C GLY A 87 15.40 4.90 -1.07
N GLY A 88 14.97 5.48 0.04
CA GLY A 88 14.59 6.88 0.03
C GLY A 88 15.23 7.61 1.20
N GLN A 89 14.56 8.62 1.71
CA GLN A 89 15.08 9.37 2.85
C GLN A 89 13.90 10.00 3.59
N LEU A 90 14.16 10.52 4.80
CA LEU A 90 13.09 11.14 5.57
C LEU A 90 12.55 12.35 4.81
N ALA A 91 11.29 12.67 5.05
CA ALA A 91 10.63 13.80 4.38
C ALA A 91 11.49 15.05 4.46
N SER A 92 11.75 15.64 3.29
CA SER A 92 12.57 16.84 3.18
C SER A 92 11.88 17.89 2.32
N PRO A 93 10.83 18.54 2.87
CA PRO A 93 10.11 19.56 2.09
C PRO A 93 11.04 20.71 1.68
N ARG A 94 11.14 20.95 0.38
CA ARG A 94 12.00 21.99 -0.13
C ARG A 94 11.25 23.21 -0.68
N SER A 95 9.93 23.23 -0.51
CA SER A 95 9.11 24.35 -0.97
C SER A 95 7.78 24.38 -0.21
N ALA A 96 7.04 25.47 -0.37
CA ALA A 96 5.74 25.59 0.31
C ALA A 96 4.79 24.49 -0.20
N ALA A 97 4.89 24.18 -1.49
CA ALA A 97 4.05 23.15 -2.09
C ALA A 97 4.37 21.77 -1.50
N GLU A 98 5.65 21.46 -1.36
CA GLU A 98 6.03 20.18 -0.78
C GLU A 98 5.62 20.10 0.68
N ASN A 99 5.78 21.19 1.42
CA ASN A 99 5.42 21.20 2.83
C ASN A 99 3.91 20.97 3.01
N ALA A 100 3.11 21.57 2.13
CA ALA A 100 1.66 21.42 2.18
C ALA A 100 1.24 19.98 1.94
N ALA A 101 1.92 19.32 1.01
CA ALA A 101 1.62 17.91 0.69
C ALA A 101 1.95 17.05 1.89
N LEU A 102 3.13 17.26 2.48
CA LEU A 102 3.54 16.49 3.66
C LEU A 102 2.55 16.74 4.80
N GLN A 103 2.12 18.00 4.94
CA GLN A 103 1.17 18.37 6.00
C GLN A 103 -0.13 17.56 5.90
N GLN A 104 -0.54 17.24 4.68
CA GLN A 104 -1.75 16.46 4.47
C GLN A 104 -1.68 15.12 5.20
N LEU A 105 -0.53 14.46 5.11
CA LEU A 105 -0.33 13.17 5.76
C LEU A 105 -0.29 13.31 7.28
N VAL A 106 0.36 14.36 7.76
CA VAL A 106 0.47 14.59 9.19
C VAL A 106 -0.94 14.87 9.76
N VAL A 107 -1.73 15.64 9.02
CA VAL A 107 -3.09 15.96 9.42
C VAL A 107 -3.95 14.69 9.42
N ALA A 108 -3.82 13.87 8.37
CA ALA A 108 -4.59 12.64 8.27
C ALA A 108 -4.30 11.68 9.42
N LYS A 109 -3.04 11.54 9.79
CA LYS A 109 -2.66 10.63 10.87
C LYS A 109 -2.74 11.31 12.24
N ASN A 110 -2.86 12.64 12.22
CA ASN A 110 -2.93 13.42 13.44
C ASN A 110 -1.71 13.12 14.32
N GLU A 111 -0.54 13.06 13.68
CA GLU A 111 0.71 12.78 14.38
C GLU A 111 1.83 13.59 13.75
N ALA A 112 2.50 14.42 14.56
CA ALA A 112 3.63 15.24 14.07
C ALA A 112 4.69 14.28 13.55
N ALA A 113 5.36 14.68 12.48
CA ALA A 113 6.37 13.84 11.85
C ALA A 113 7.77 14.45 11.87
N PHE A 114 8.78 13.59 11.75
CA PHE A 114 10.18 14.04 11.69
C PHE A 114 10.52 14.42 10.25
N LEU A 115 11.38 15.43 10.10
CA LEU A 115 11.87 15.81 8.79
C LEU A 115 13.28 15.20 8.77
N SER A 116 13.96 15.25 7.63
CA SER A 116 15.30 14.68 7.53
C SER A 116 16.41 15.54 8.10
N MET A 117 16.17 16.85 8.13
CA MET A 117 17.15 17.83 8.56
C MET A 117 17.53 17.92 10.03
N THR A 118 18.82 18.15 10.29
CA THR A 118 19.36 18.26 11.64
C THR A 118 20.48 19.31 11.70
N ASP A 119 20.81 19.75 12.91
CA ASP A 119 21.90 20.70 13.09
C ASP A 119 22.89 20.07 14.07
N SER A 120 23.07 18.76 13.93
CA SER A 120 23.97 18.00 14.77
C SER A 120 25.45 18.35 14.55
N LYS A 121 25.83 18.62 13.31
CA LYS A 121 27.23 18.94 12.99
C LYS A 121 27.63 20.32 13.51
N THR A 122 26.80 21.32 13.23
CA THR A 122 27.05 22.69 13.67
C THR A 122 25.76 23.21 14.26
N GLU A 123 25.71 23.34 15.58
CA GLU A 123 24.51 23.83 16.26
C GLU A 123 23.99 25.12 15.63
N GLY A 124 22.69 25.16 15.35
CA GLY A 124 22.08 26.34 14.76
C GLY A 124 22.00 26.30 13.25
N LYS A 125 22.80 25.43 12.63
CA LYS A 125 22.81 25.31 11.19
C LYS A 125 22.19 23.99 10.74
N PHE A 126 20.93 24.05 10.32
CA PHE A 126 20.21 22.86 9.88
C PHE A 126 20.55 22.50 8.45
N THR A 127 20.78 21.21 8.21
CA THR A 127 21.13 20.74 6.88
C THR A 127 20.42 19.44 6.50
N TYR A 128 20.35 19.20 5.20
CA TYR A 128 19.75 17.98 4.67
C TYR A 128 20.80 16.90 4.90
N PRO A 129 20.42 15.62 4.78
CA PRO A 129 21.38 14.53 4.98
C PRO A 129 22.69 14.69 4.18
N THR A 130 22.63 15.40 3.06
CA THR A 130 23.81 15.64 2.22
C THR A 130 24.73 16.74 2.73
N GLY A 131 24.37 17.36 3.85
CA GLY A 131 25.20 18.42 4.39
C GLY A 131 24.85 19.78 3.81
N GLU A 132 23.97 19.79 2.81
CA GLU A 132 23.54 21.03 2.16
C GLU A 132 22.64 21.86 3.09
N SER A 133 22.77 23.19 3.01
CA SER A 133 21.96 24.08 3.84
C SER A 133 20.52 24.19 3.33
N LEU A 134 19.59 24.43 4.25
CA LEU A 134 18.17 24.54 3.90
C LEU A 134 17.90 25.55 2.80
N VAL A 135 16.99 25.23 1.89
CA VAL A 135 16.62 26.12 0.81
C VAL A 135 15.19 26.61 1.04
N TYR A 136 14.58 26.11 2.13
CA TYR A 136 13.22 26.46 2.52
C TYR A 136 13.04 26.08 3.98
N SER A 137 12.23 26.85 4.70
CA SER A 137 11.94 26.58 6.10
C SER A 137 10.56 27.13 6.46
N ASN A 138 9.95 26.56 7.48
CA ASN A 138 8.62 26.98 7.93
C ASN A 138 8.55 26.88 9.44
N TRP A 139 9.53 27.49 10.12
CA TRP A 139 9.60 27.47 11.57
C TRP A 139 8.42 28.17 12.24
N ALA A 140 7.91 27.56 13.30
CA ALA A 140 6.83 28.15 14.06
C ALA A 140 7.46 29.35 14.79
N PRO A 141 6.65 30.34 15.19
CA PRO A 141 7.20 31.50 15.88
C PRO A 141 8.04 31.10 17.08
N GLY A 142 9.24 31.69 17.20
CA GLY A 142 10.13 31.36 18.30
C GLY A 142 11.05 30.17 18.07
N GLU A 143 10.92 29.50 16.92
CA GLU A 143 11.76 28.34 16.60
C GLU A 143 12.71 28.65 15.45
N PRO A 144 13.84 27.92 15.35
CA PRO A 144 14.26 26.84 16.26
C PRO A 144 14.92 27.47 17.49
N ASN A 145 14.66 26.90 18.68
CA ASN A 145 15.24 27.48 19.90
C ASN A 145 16.20 26.60 20.69
N ASP A 146 16.51 25.42 20.16
CA ASP A 146 17.40 24.48 20.83
C ASP A 146 17.08 24.37 22.32
N ASP A 147 15.82 24.11 22.62
CA ASP A 147 15.37 23.98 24.00
C ASP A 147 16.18 22.97 24.81
N GLY A 148 16.50 23.35 26.04
CA GLY A 148 17.28 22.48 26.90
C GLY A 148 18.69 22.29 26.38
N GLY A 149 19.02 23.03 25.33
CA GLY A 149 20.34 22.92 24.73
C GLY A 149 20.54 21.57 24.07
N SER A 150 19.45 20.94 23.65
CA SER A 150 19.54 19.63 23.03
C SER A 150 18.41 19.27 22.04
N GLU A 151 18.15 20.15 21.09
CA GLU A 151 17.13 19.88 20.07
C GLU A 151 17.79 20.00 18.71
N ASP A 152 18.18 18.86 18.14
CA ASP A 152 18.87 18.85 16.85
C ASP A 152 18.09 18.26 15.68
N CYS A 153 16.86 17.82 15.95
CA CYS A 153 16.02 17.25 14.91
C CYS A 153 14.83 18.19 14.68
N VAL A 154 14.04 17.93 13.64
CA VAL A 154 12.91 18.77 13.31
C VAL A 154 11.61 18.00 13.14
N GLU A 155 10.53 18.52 13.73
CA GLU A 155 9.21 17.91 13.62
C GLU A 155 8.27 18.91 12.91
N ILE A 156 7.32 18.39 12.14
CA ILE A 156 6.35 19.24 11.46
C ILE A 156 4.99 18.94 12.11
N PHE A 157 4.30 20.01 12.54
CA PHE A 157 3.00 19.90 13.19
C PHE A 157 1.84 19.77 12.20
N THR A 158 0.64 19.48 12.72
CA THR A 158 -0.54 19.36 11.87
C THR A 158 -0.85 20.67 11.16
N ASN A 159 -0.33 21.79 11.66
CA ASN A 159 -0.56 23.08 11.03
C ASN A 159 0.55 23.39 10.02
N GLY A 160 1.41 22.42 9.77
CA GLY A 160 2.49 22.59 8.81
C GLY A 160 3.74 23.30 9.30
N LYS A 161 3.68 23.93 10.47
CA LYS A 161 4.84 24.64 11.00
C LYS A 161 5.89 23.70 11.59
N TRP A 162 7.14 24.16 11.66
CA TRP A 162 8.24 23.35 12.17
C TRP A 162 8.73 23.76 13.55
N ASN A 163 9.30 22.79 14.26
CA ASN A 163 9.85 23.01 15.59
C ASN A 163 11.04 22.08 15.77
N ASP A 164 12.16 22.60 16.28
CA ASP A 164 13.29 21.70 16.51
C ASP A 164 12.91 20.92 17.78
N ARG A 165 13.23 19.63 17.78
CA ARG A 165 12.88 18.75 18.89
C ARG A 165 13.99 17.72 19.12
N ALA A 166 14.06 17.16 20.32
CA ALA A 166 15.06 16.17 20.64
C ALA A 166 14.93 14.95 19.74
N CYS A 167 16.04 14.52 19.15
CA CYS A 167 16.04 13.38 18.23
C CYS A 167 15.56 12.07 18.87
N GLY A 168 15.56 12.00 20.18
CA GLY A 168 15.12 10.80 20.88
C GLY A 168 13.62 10.64 20.98
N GLU A 169 12.86 11.68 20.68
CA GLU A 169 11.40 11.61 20.73
C GLU A 169 10.91 10.73 19.58
N LYS A 170 9.72 10.17 19.72
CA LYS A 170 9.16 9.33 18.66
C LYS A 170 8.16 10.16 17.87
N ARG A 171 8.31 10.17 16.56
CA ARG A 171 7.41 10.93 15.70
C ARG A 171 7.00 10.09 14.49
N LEU A 172 5.92 10.52 13.81
CA LEU A 172 5.44 9.80 12.65
C LEU A 172 6.56 9.66 11.62
N VAL A 173 6.70 8.46 11.06
CA VAL A 173 7.71 8.19 10.05
C VAL A 173 7.13 8.42 8.65
N VAL A 174 7.70 9.41 7.95
CA VAL A 174 7.29 9.73 6.59
C VAL A 174 8.55 9.80 5.73
N CYS A 175 8.60 8.99 4.68
CA CYS A 175 9.75 8.99 3.78
C CYS A 175 9.38 9.62 2.45
N GLU A 176 10.39 10.07 1.70
CA GLU A 176 10.16 10.63 0.39
C GLU A 176 10.95 9.77 -0.59
N PHE A 177 10.37 9.59 -1.77
CA PHE A 177 10.97 8.79 -2.85
C PHE A 177 10.89 9.59 -4.16
N ALA B 27 18.30 -0.15 -40.40
CA ALA B 27 18.90 -1.20 -39.53
C ALA B 27 18.88 -0.72 -38.08
N SER B 28 19.21 0.55 -37.90
CA SER B 28 19.24 1.16 -36.58
C SER B 28 17.82 1.26 -36.03
N LEU B 29 16.89 1.68 -36.88
CA LEU B 29 15.50 1.81 -36.48
C LEU B 29 14.95 0.44 -36.11
N ARG B 30 15.34 -0.57 -36.88
CA ARG B 30 14.92 -1.94 -36.63
C ARG B 30 15.46 -2.38 -35.27
N GLN B 31 16.76 -2.16 -35.07
CA GLN B 31 17.43 -2.52 -33.84
C GLN B 31 16.79 -1.79 -32.66
N GLN B 32 16.44 -0.53 -32.88
CA GLN B 32 15.80 0.28 -31.83
C GLN B 32 14.46 -0.32 -31.43
N VAL B 33 13.68 -0.72 -32.42
CA VAL B 33 12.37 -1.31 -32.19
C VAL B 33 12.49 -2.61 -31.39
N GLU B 34 13.40 -3.48 -31.80
CA GLU B 34 13.58 -4.74 -31.10
C GLU B 34 13.97 -4.49 -29.65
N ALA B 35 14.79 -3.46 -29.44
CA ALA B 35 15.25 -3.11 -28.10
C ALA B 35 14.05 -2.72 -27.23
N LEU B 36 13.19 -1.86 -27.78
CA LEU B 36 12.00 -1.41 -27.06
C LEU B 36 11.09 -2.59 -26.72
N GLN B 37 11.05 -3.57 -27.62
CA GLN B 37 10.22 -4.75 -27.41
C GLN B 37 10.59 -5.48 -26.12
N GLY B 38 11.89 -5.65 -25.91
CA GLY B 38 12.38 -6.33 -24.71
C GLY B 38 12.16 -5.54 -23.43
N GLN B 39 12.29 -4.22 -23.53
CA GLN B 39 12.09 -3.35 -22.37
C GLN B 39 10.62 -3.36 -21.97
N VAL B 40 9.74 -3.32 -22.97
CA VAL B 40 8.30 -3.33 -22.70
C VAL B 40 7.92 -4.67 -22.08
N GLN B 41 8.49 -5.76 -22.60
CA GLN B 41 8.17 -7.08 -22.05
C GLN B 41 8.60 -7.14 -20.59
N HIS B 42 9.73 -6.52 -20.27
CA HIS B 42 10.20 -6.53 -18.88
C HIS B 42 9.24 -5.73 -18.00
N LEU B 43 8.82 -4.56 -18.47
CA LEU B 43 7.91 -3.70 -17.72
C LEU B 43 6.58 -4.41 -17.46
N GLN B 44 6.01 -5.02 -18.50
CA GLN B 44 4.75 -5.73 -18.36
C GLN B 44 4.82 -6.85 -17.32
N ALA B 45 5.89 -7.65 -17.37
CA ALA B 45 6.05 -8.75 -16.42
C ALA B 45 6.26 -8.24 -14.99
N ALA B 46 7.11 -7.22 -14.83
CA ALA B 46 7.40 -6.65 -13.52
C ALA B 46 6.16 -6.00 -12.92
N PHE B 47 5.41 -5.26 -13.75
CA PHE B 47 4.21 -4.59 -13.30
C PHE B 47 3.10 -5.57 -12.94
N SER B 48 2.99 -6.65 -13.70
CA SER B 48 1.99 -7.66 -13.44
C SER B 48 2.14 -8.21 -12.03
N GLN B 49 3.39 -8.37 -11.59
CA GLN B 49 3.66 -8.86 -10.23
C GLN B 49 3.28 -7.82 -9.18
N TYR B 50 3.68 -6.59 -9.42
CA TYR B 50 3.41 -5.50 -8.49
C TYR B 50 1.91 -5.18 -8.32
N LYS B 51 1.11 -5.47 -9.33
CA LYS B 51 -0.33 -5.23 -9.24
C LYS B 51 -0.89 -6.11 -8.13
N LYS B 52 -0.46 -7.37 -8.10
CA LYS B 52 -0.92 -8.32 -7.08
C LYS B 52 -0.42 -7.91 -5.69
N VAL B 53 0.83 -7.49 -5.63
CA VAL B 53 1.42 -7.09 -4.36
C VAL B 53 0.68 -5.88 -3.79
N GLU B 54 0.42 -4.90 -4.66
CA GLU B 54 -0.25 -3.68 -4.26
C GLU B 54 -1.66 -3.89 -3.70
N LEU B 55 -2.45 -4.71 -4.38
CA LEU B 55 -3.83 -4.94 -3.96
C LEU B 55 -3.98 -5.77 -2.67
N PHE B 56 -2.89 -6.39 -2.23
CA PHE B 56 -2.91 -7.19 -1.01
C PHE B 56 -2.51 -6.34 0.20
N PRO B 57 -3.36 -6.29 1.25
CA PRO B 57 -4.66 -6.94 1.47
C PRO B 57 -5.86 -5.99 1.39
N ASN B 58 -5.64 -4.74 0.99
CA ASN B 58 -6.71 -3.76 0.98
C ASN B 58 -7.36 -3.36 -0.33
N GLY B 59 -7.02 -4.07 -1.41
CA GLY B 59 -7.60 -3.74 -2.70
C GLY B 59 -8.34 -4.90 -3.33
N GLN B 60 -9.19 -4.59 -4.31
CA GLN B 60 -9.96 -5.58 -5.03
C GLN B 60 -10.15 -5.07 -6.45
N SER B 61 -9.64 -5.84 -7.42
CA SER B 61 -9.76 -5.47 -8.82
C SER B 61 -10.95 -6.23 -9.41
N VAL B 62 -11.77 -5.54 -10.19
CA VAL B 62 -12.94 -6.16 -10.81
C VAL B 62 -13.17 -5.47 -12.14
N GLY B 63 -12.93 -6.20 -13.22
CA GLY B 63 -13.07 -5.60 -14.54
C GLY B 63 -11.96 -4.56 -14.63
N GLU B 64 -12.31 -3.33 -15.02
CA GLU B 64 -11.33 -2.25 -15.13
C GLU B 64 -11.35 -1.33 -13.91
N LYS B 65 -12.11 -1.71 -12.89
CA LYS B 65 -12.23 -0.90 -11.67
C LYS B 65 -11.44 -1.51 -10.51
N ILE B 66 -10.97 -0.64 -9.62
CA ILE B 66 -10.24 -1.09 -8.45
C ILE B 66 -10.79 -0.41 -7.20
N PHE B 67 -11.21 -1.23 -6.24
CA PHE B 67 -11.71 -0.74 -4.95
C PHE B 67 -10.53 -0.81 -3.99
N LYS B 68 -10.38 0.20 -3.15
CA LYS B 68 -9.30 0.21 -2.16
C LYS B 68 -9.82 0.83 -0.87
N THR B 69 -9.72 0.08 0.22
CA THR B 69 -10.17 0.62 1.49
C THR B 69 -9.04 1.32 2.24
N ALA B 70 -9.40 2.39 2.95
CA ALA B 70 -8.45 3.15 3.76
C ALA B 70 -8.23 2.42 5.06
N GLY B 71 -9.13 1.49 5.38
CA GLY B 71 -8.99 0.70 6.59
C GLY B 71 -9.62 1.27 7.86
N PHE B 72 -10.18 2.47 7.78
CA PHE B 72 -10.81 3.09 8.94
C PHE B 72 -12.17 3.65 8.57
N VAL B 73 -12.92 4.08 9.58
CA VAL B 73 -14.27 4.63 9.36
C VAL B 73 -14.32 6.16 9.48
N LYS B 74 -15.24 6.77 8.74
CA LYS B 74 -15.42 8.22 8.75
C LYS B 74 -16.84 8.56 8.33
N PRO B 75 -17.34 9.74 8.72
CA PRO B 75 -18.70 10.13 8.32
C PRO B 75 -18.67 10.34 6.80
N PHE B 76 -19.83 10.30 6.16
CA PHE B 76 -19.91 10.45 4.70
C PHE B 76 -19.14 11.60 4.04
N THR B 77 -19.33 12.82 4.53
CA THR B 77 -18.67 13.97 3.92
C THR B 77 -17.14 13.85 3.98
N GLU B 78 -16.62 13.35 5.10
CA GLU B 78 -15.18 13.16 5.26
C GLU B 78 -14.66 12.08 4.31
N ALA B 79 -15.37 10.95 4.28
CA ALA B 79 -15.01 9.84 3.40
C ALA B 79 -15.01 10.25 1.94
N GLN B 80 -16.05 10.96 1.54
CA GLN B 80 -16.18 11.42 0.17
C GLN B 80 -15.03 12.33 -0.24
N LEU B 81 -14.64 13.23 0.65
CA LEU B 81 -13.54 14.14 0.38
C LEU B 81 -12.23 13.38 0.24
N LEU B 82 -12.02 12.39 1.11
CA LEU B 82 -10.80 11.59 1.04
C LEU B 82 -10.66 10.95 -0.33
N CYS B 83 -11.72 10.32 -0.82
CA CYS B 83 -11.68 9.67 -2.13
C CYS B 83 -11.46 10.65 -3.27
N THR B 84 -12.20 11.76 -3.26
CA THR B 84 -12.11 12.74 -4.33
C THR B 84 -10.73 13.39 -4.40
N GLN B 85 -10.17 13.73 -3.26
CA GLN B 85 -8.85 14.34 -3.22
C GLN B 85 -7.79 13.35 -3.69
N ALA B 86 -8.06 12.05 -3.52
CA ALA B 86 -7.13 11.00 -3.93
C ALA B 86 -7.24 10.70 -5.42
N GLY B 87 -8.14 11.40 -6.11
CA GLY B 87 -8.31 11.19 -7.53
C GLY B 87 -9.32 10.12 -7.90
N GLY B 88 -10.12 9.71 -6.93
CA GLY B 88 -11.14 8.70 -7.19
C GLY B 88 -12.48 9.17 -6.66
N GLN B 89 -13.27 8.24 -6.15
CA GLN B 89 -14.57 8.57 -5.58
C GLN B 89 -15.01 7.40 -4.71
N LEU B 90 -16.02 7.61 -3.88
CA LEU B 90 -16.51 6.55 -3.01
C LEU B 90 -16.99 5.38 -3.84
N ALA B 91 -16.87 4.18 -3.28
CA ALA B 91 -17.30 2.96 -3.97
C ALA B 91 -18.69 3.12 -4.60
N SER B 92 -18.77 2.84 -5.90
CA SER B 92 -20.02 2.95 -6.65
C SER B 92 -20.24 1.69 -7.48
N PRO B 93 -20.63 0.58 -6.81
CA PRO B 93 -20.85 -0.67 -7.56
C PRO B 93 -21.96 -0.51 -8.60
N ARG B 94 -21.66 -0.78 -9.87
CA ARG B 94 -22.63 -0.64 -10.94
C ARG B 94 -23.08 -1.97 -11.53
N SER B 95 -22.74 -3.06 -10.85
CA SER B 95 -23.13 -4.39 -11.29
C SER B 95 -22.99 -5.35 -10.11
N ALA B 96 -23.59 -6.52 -10.24
CA ALA B 96 -23.54 -7.54 -9.20
C ALA B 96 -22.10 -7.99 -8.93
N ALA B 97 -21.30 -8.07 -9.99
CA ALA B 97 -19.89 -8.47 -9.88
C ALA B 97 -19.10 -7.43 -9.09
N GLU B 98 -19.33 -6.15 -9.40
CA GLU B 98 -18.65 -5.08 -8.69
C GLU B 98 -19.08 -5.09 -7.22
N ASN B 99 -20.36 -5.32 -6.99
CA ASN B 99 -20.90 -5.34 -5.63
C ASN B 99 -20.27 -6.48 -4.82
N ALA B 100 -20.11 -7.65 -5.44
CA ALA B 100 -19.52 -8.80 -4.78
C ALA B 100 -18.03 -8.56 -4.47
N ALA B 101 -17.34 -7.84 -5.35
CA ALA B 101 -15.93 -7.53 -5.12
C ALA B 101 -15.79 -6.57 -3.93
N LEU B 102 -16.63 -5.55 -3.89
CA LEU B 102 -16.59 -4.58 -2.80
C LEU B 102 -16.94 -5.29 -1.49
N GLN B 103 -17.92 -6.19 -1.56
CA GLN B 103 -18.34 -6.93 -0.37
C GLN B 103 -17.17 -7.70 0.26
N GLN B 104 -16.24 -8.16 -0.56
CA GLN B 104 -15.08 -8.90 -0.06
C GLN B 104 -14.26 -8.04 0.90
N LEU B 105 -14.10 -6.76 0.59
CA LEU B 105 -13.33 -5.88 1.45
C LEU B 105 -14.10 -5.62 2.73
N VAL B 106 -15.40 -5.45 2.60
CA VAL B 106 -16.27 -5.19 3.75
C VAL B 106 -16.21 -6.38 4.70
N VAL B 107 -16.27 -7.58 4.12
CA VAL B 107 -16.20 -8.81 4.91
C VAL B 107 -14.84 -8.90 5.60
N ALA B 108 -13.76 -8.62 4.85
CA ALA B 108 -12.41 -8.68 5.39
C ALA B 108 -12.22 -7.75 6.58
N LYS B 109 -12.71 -6.53 6.47
CA LYS B 109 -12.59 -5.56 7.56
C LYS B 109 -13.72 -5.70 8.57
N ASN B 110 -14.73 -6.49 8.22
CA ASN B 110 -15.89 -6.68 9.07
C ASN B 110 -16.48 -5.32 9.49
N GLU B 111 -16.57 -4.41 8.52
CA GLU B 111 -17.11 -3.08 8.76
C GLU B 111 -17.92 -2.65 7.55
N ALA B 112 -19.20 -2.35 7.77
CA ALA B 112 -20.07 -1.89 6.69
C ALA B 112 -19.44 -0.60 6.15
N ALA B 113 -19.55 -0.37 4.85
CA ALA B 113 -18.96 0.82 4.22
C ALA B 113 -19.97 1.73 3.52
N PHE B 114 -19.59 2.98 3.32
CA PHE B 114 -20.43 3.93 2.62
C PHE B 114 -20.26 3.76 1.11
N LEU B 115 -21.35 3.96 0.36
CA LEU B 115 -21.30 3.92 -1.08
C LEU B 115 -21.28 5.41 -1.44
N SER B 116 -21.14 5.74 -2.71
CA SER B 116 -21.09 7.15 -3.12
C SER B 116 -22.45 7.82 -3.30
N MET B 117 -23.48 7.01 -3.50
CA MET B 117 -24.82 7.49 -3.78
C MET B 117 -25.66 8.03 -2.63
N THR B 118 -26.46 9.06 -2.92
CA THR B 118 -27.32 9.69 -1.93
C THR B 118 -28.59 10.24 -2.59
N ASP B 119 -29.63 10.48 -1.80
CA ASP B 119 -30.85 11.07 -2.31
C ASP B 119 -31.01 12.41 -1.59
N SER B 120 -29.89 13.08 -1.43
CA SER B 120 -29.83 14.39 -0.76
C SER B 120 -30.53 15.49 -1.55
N LYS B 121 -30.46 15.43 -2.88
CA LYS B 121 -31.10 16.45 -3.69
C LYS B 121 -32.60 16.24 -3.71
N THR B 122 -33.02 15.06 -4.14
CA THR B 122 -34.44 14.71 -4.22
C THR B 122 -34.73 13.43 -3.44
N GLU B 123 -35.38 13.57 -2.29
CA GLU B 123 -35.70 12.44 -1.42
C GLU B 123 -36.36 11.29 -2.19
N GLY B 124 -35.85 10.09 -1.98
CA GLY B 124 -36.39 8.92 -2.66
C GLY B 124 -35.71 8.63 -3.98
N LYS B 125 -34.92 9.58 -4.48
CA LYS B 125 -34.20 9.40 -5.74
C LYS B 125 -32.69 9.38 -5.53
N PHE B 126 -32.13 8.18 -5.50
CA PHE B 126 -30.70 8.02 -5.29
C PHE B 126 -29.90 8.19 -6.58
N THR B 127 -28.82 8.96 -6.50
CA THR B 127 -27.97 9.21 -7.66
C THR B 127 -26.48 9.12 -7.34
N TYR B 128 -25.67 9.01 -8.40
CA TYR B 128 -24.23 8.95 -8.27
C TYR B 128 -23.75 10.39 -8.10
N PRO B 129 -22.49 10.60 -7.66
CA PRO B 129 -22.00 11.97 -7.49
C PRO B 129 -22.16 12.84 -8.73
N THR B 130 -22.30 12.22 -9.90
CA THR B 130 -22.47 12.95 -11.15
C THR B 130 -23.92 13.38 -11.36
N GLY B 131 -24.83 12.80 -10.58
CA GLY B 131 -26.23 13.14 -10.70
C GLY B 131 -27.01 12.12 -11.49
N GLU B 132 -26.31 11.13 -12.05
CA GLU B 132 -26.96 10.09 -12.84
C GLU B 132 -27.72 9.10 -11.94
N SER B 133 -28.85 8.60 -12.43
CA SER B 133 -29.66 7.64 -11.67
C SER B 133 -28.96 6.30 -11.57
N LEU B 134 -29.28 5.54 -10.53
CA LEU B 134 -28.66 4.22 -10.30
C LEU B 134 -28.89 3.24 -11.45
N VAL B 135 -27.85 2.50 -11.82
CA VAL B 135 -27.95 1.51 -12.88
C VAL B 135 -27.96 0.11 -12.29
N TYR B 136 -27.78 0.06 -10.97
CA TYR B 136 -27.77 -1.20 -10.23
C TYR B 136 -28.02 -0.88 -8.76
N SER B 137 -28.65 -1.81 -8.06
CA SER B 137 -28.89 -1.65 -6.63
C SER B 137 -29.05 -3.03 -6.01
N ASN B 138 -28.77 -3.14 -4.72
CA ASN B 138 -28.91 -4.42 -4.03
C ASN B 138 -29.50 -4.17 -2.66
N TRP B 139 -30.61 -3.43 -2.64
CA TRP B 139 -31.29 -3.08 -1.39
C TRP B 139 -31.78 -4.26 -0.58
N ALA B 140 -31.58 -4.19 0.74
CA ALA B 140 -32.08 -5.24 1.61
C ALA B 140 -33.61 -5.05 1.53
N PRO B 141 -34.38 -6.11 1.81
CA PRO B 141 -35.84 -5.98 1.74
C PRO B 141 -36.36 -4.82 2.59
N GLY B 142 -37.24 -4.01 1.99
CA GLY B 142 -37.80 -2.89 2.72
C GLY B 142 -37.02 -1.58 2.63
N GLU B 143 -35.81 -1.66 2.09
CA GLU B 143 -34.95 -0.47 1.95
C GLU B 143 -34.97 0.05 0.51
N PRO B 144 -34.73 1.36 0.32
CA PRO B 144 -34.47 2.36 1.35
C PRO B 144 -35.78 2.78 2.05
N ASN B 145 -35.70 3.05 3.35
CA ASN B 145 -36.88 3.43 4.12
C ASN B 145 -36.80 4.80 4.80
N ASP B 146 -35.74 5.57 4.50
CA ASP B 146 -35.57 6.91 5.08
C ASP B 146 -35.95 6.91 6.57
N ASP B 147 -35.45 5.94 7.31
CA ASP B 147 -35.75 5.82 8.73
C ASP B 147 -35.60 7.12 9.51
N GLY B 148 -36.62 7.46 10.30
CA GLY B 148 -36.56 8.68 11.07
C GLY B 148 -36.61 9.93 10.22
N GLY B 149 -36.88 9.74 8.93
CA GLY B 149 -36.94 10.84 7.98
C GLY B 149 -35.59 11.48 7.75
N SER B 150 -34.52 10.73 8.00
CA SER B 150 -33.18 11.30 7.87
C SER B 150 -32.07 10.37 7.38
N GLU B 151 -32.36 9.54 6.38
CA GLU B 151 -31.34 8.64 5.84
C GLU B 151 -31.16 8.92 4.35
N ASP B 152 -30.10 9.66 4.01
CA ASP B 152 -29.84 10.01 2.62
C ASP B 152 -28.57 9.39 2.03
N CYS B 153 -27.83 8.64 2.84
CA CYS B 153 -26.62 7.97 2.38
C CYS B 153 -26.86 6.46 2.33
N VAL B 154 -25.92 5.70 1.76
CA VAL B 154 -26.09 4.26 1.64
C VAL B 154 -24.89 3.49 2.17
N GLU B 155 -25.17 2.42 2.91
CA GLU B 155 -24.13 1.56 3.45
C GLU B 155 -24.31 0.15 2.89
N ILE B 156 -23.22 -0.58 2.74
CA ILE B 156 -23.28 -1.95 2.25
C ILE B 156 -22.84 -2.83 3.41
N PHE B 157 -23.66 -3.84 3.73
CA PHE B 157 -23.38 -4.76 4.83
C PHE B 157 -22.39 -5.87 4.42
N THR B 158 -22.01 -6.69 5.40
CA THR B 158 -21.09 -7.79 5.14
C THR B 158 -21.75 -8.85 4.25
N ASN B 159 -23.08 -8.83 4.18
CA ASN B 159 -23.79 -9.78 3.33
C ASN B 159 -24.01 -9.20 1.93
N GLY B 160 -23.42 -8.02 1.69
CA GLY B 160 -23.53 -7.37 0.39
C GLY B 160 -24.78 -6.56 0.10
N LYS B 161 -25.75 -6.59 1.03
CA LYS B 161 -27.00 -5.87 0.85
C LYS B 161 -26.86 -4.41 1.24
N TRP B 162 -27.67 -3.56 0.64
CA TRP B 162 -27.64 -2.12 0.90
C TRP B 162 -28.74 -1.67 1.86
N ASN B 163 -28.45 -0.57 2.56
CA ASN B 163 -29.38 0.03 3.49
C ASN B 163 -29.13 1.53 3.51
N ASP B 164 -30.17 2.34 3.36
CA ASP B 164 -29.93 3.78 3.43
C ASP B 164 -29.71 4.12 4.90
N ARG B 165 -28.76 5.00 5.17
CA ARG B 165 -28.39 5.37 6.53
C ARG B 165 -28.04 6.85 6.62
N ALA B 166 -28.10 7.38 7.84
CA ALA B 166 -27.77 8.79 8.09
C ALA B 166 -26.31 9.06 7.72
N CYS B 167 -26.10 10.13 6.96
CA CYS B 167 -24.78 10.51 6.48
C CYS B 167 -23.80 10.88 7.59
N GLY B 168 -24.33 11.16 8.78
CA GLY B 168 -23.49 11.52 9.90
C GLY B 168 -22.84 10.33 10.58
N GLU B 169 -23.30 9.13 10.24
CA GLU B 169 -22.76 7.89 10.81
C GLU B 169 -21.36 7.64 10.26
N LYS B 170 -20.56 6.88 11.00
CA LYS B 170 -19.19 6.55 10.59
C LYS B 170 -19.13 5.16 9.99
N ARG B 171 -18.70 5.06 8.74
CA ARG B 171 -18.60 3.77 8.06
C ARG B 171 -17.23 3.60 7.39
N LEU B 172 -16.88 2.35 7.07
CA LEU B 172 -15.61 2.05 6.43
C LEU B 172 -15.45 2.84 5.15
N VAL B 173 -14.28 3.43 4.96
CA VAL B 173 -13.98 4.22 3.78
C VAL B 173 -13.37 3.34 2.68
N VAL B 174 -14.07 3.26 1.56
CA VAL B 174 -13.61 2.48 0.42
C VAL B 174 -13.78 3.33 -0.83
N CYS B 175 -12.69 3.56 -1.55
CA CYS B 175 -12.74 4.35 -2.77
C CYS B 175 -12.58 3.47 -3.99
N GLU B 176 -12.97 3.99 -5.14
CA GLU B 176 -12.80 3.27 -6.39
C GLU B 176 -11.94 4.13 -7.30
N PHE B 177 -11.09 3.46 -8.07
CA PHE B 177 -10.17 4.10 -9.00
C PHE B 177 -10.23 3.42 -10.36
N SER C 28 9.04 9.81 -40.54
CA SER C 28 7.83 9.68 -39.66
C SER C 28 8.02 8.53 -38.67
N LEU C 29 8.57 7.42 -39.15
CA LEU C 29 8.80 6.26 -38.31
C LEU C 29 9.83 6.63 -37.25
N ARG C 30 10.89 7.30 -37.70
CA ARG C 30 11.96 7.71 -36.80
C ARG C 30 11.42 8.67 -35.75
N GLN C 31 10.43 9.45 -36.14
CA GLN C 31 9.80 10.42 -35.24
C GLN C 31 9.02 9.67 -34.16
N GLN C 32 8.23 8.69 -34.59
CA GLN C 32 7.40 7.90 -33.69
C GLN C 32 8.24 7.01 -32.77
N VAL C 33 9.29 6.42 -33.32
CA VAL C 33 10.17 5.55 -32.55
C VAL C 33 10.79 6.35 -31.41
N GLU C 34 11.16 7.60 -31.69
CA GLU C 34 11.76 8.46 -30.69
C GLU C 34 10.76 8.77 -29.57
N ALA C 35 9.52 9.02 -29.94
CA ALA C 35 8.48 9.32 -28.95
C ALA C 35 8.26 8.08 -28.07
N LEU C 36 8.24 6.91 -28.69
CA LEU C 36 8.06 5.64 -27.99
C LEU C 36 9.23 5.36 -27.05
N GLN C 37 10.44 5.69 -27.49
CA GLN C 37 11.64 5.47 -26.68
C GLN C 37 11.53 6.31 -25.41
N GLY C 38 11.11 7.57 -25.59
CA GLY C 38 10.95 8.47 -24.47
C GLY C 38 9.88 8.00 -23.50
N GLN C 39 8.78 7.47 -24.05
CA GLN C 39 7.69 6.97 -23.23
C GLN C 39 8.15 5.79 -22.38
N VAL C 40 8.95 4.91 -22.97
CA VAL C 40 9.45 3.74 -22.27
C VAL C 40 10.45 4.14 -21.19
N GLN C 41 11.32 5.09 -21.51
CA GLN C 41 12.31 5.56 -20.55
C GLN C 41 11.59 6.19 -19.34
N HIS C 42 10.53 6.93 -19.63
CA HIS C 42 9.75 7.58 -18.56
C HIS C 42 9.12 6.52 -17.67
N LEU C 43 8.55 5.49 -18.28
CA LEU C 43 7.91 4.42 -17.54
C LEU C 43 8.91 3.67 -16.66
N GLN C 44 10.11 3.44 -17.19
CA GLN C 44 11.13 2.74 -16.41
C GLN C 44 11.48 3.54 -15.15
N ALA C 45 11.58 4.85 -15.29
CA ALA C 45 11.89 5.72 -14.14
C ALA C 45 10.70 5.78 -13.17
N ALA C 46 9.50 5.97 -13.72
CA ALA C 46 8.32 6.03 -12.87
C ALA C 46 8.08 4.72 -12.14
N PHE C 47 8.25 3.61 -12.85
CA PHE C 47 8.05 2.30 -12.25
C PHE C 47 9.03 2.02 -11.12
N SER C 48 10.29 2.37 -11.34
CA SER C 48 11.31 2.15 -10.33
C SER C 48 11.00 2.91 -9.04
N GLN C 49 10.54 4.16 -9.17
CA GLN C 49 10.19 4.95 -8.00
C GLN C 49 8.98 4.33 -7.29
N TYR C 50 7.98 3.93 -8.08
CA TYR C 50 6.77 3.33 -7.56
C TYR C 50 7.04 2.03 -6.78
N LYS C 51 7.97 1.22 -7.27
CA LYS C 51 8.30 -0.02 -6.59
C LYS C 51 8.77 0.27 -5.15
N LYS C 52 9.61 1.27 -4.99
CA LYS C 52 10.12 1.64 -3.67
C LYS C 52 8.96 2.05 -2.76
N VAL C 53 8.07 2.86 -3.31
CA VAL C 53 6.91 3.34 -2.56
C VAL C 53 6.03 2.18 -2.12
N GLU C 54 5.75 1.25 -3.04
CA GLU C 54 4.90 0.11 -2.72
C GLU C 54 5.48 -0.79 -1.63
N LEU C 55 6.77 -1.08 -1.71
CA LEU C 55 7.42 -1.96 -0.74
C LEU C 55 7.56 -1.35 0.66
N PHE C 56 7.46 -0.03 0.77
CA PHE C 56 7.58 0.64 2.07
C PHE C 56 6.22 0.81 2.74
N PRO C 57 6.07 0.33 3.98
CA PRO C 57 7.02 -0.38 4.86
C PRO C 57 6.75 -1.88 5.01
N ASN C 58 5.79 -2.42 4.27
CA ASN C 58 5.41 -3.82 4.44
C ASN C 58 5.90 -4.88 3.46
N GLY C 59 6.77 -4.51 2.53
CA GLY C 59 7.26 -5.48 1.56
C GLY C 59 8.77 -5.64 1.54
N GLN C 60 9.21 -6.76 0.99
CA GLN C 60 10.63 -7.08 0.88
C GLN C 60 10.84 -7.80 -0.42
N SER C 61 11.77 -7.29 -1.22
CA SER C 61 12.08 -7.90 -2.50
C SER C 61 13.40 -8.66 -2.39
N VAL C 62 13.41 -9.91 -2.87
CA VAL C 62 14.61 -10.74 -2.84
C VAL C 62 14.61 -11.60 -4.09
N GLY C 63 15.55 -11.34 -4.99
CA GLY C 63 15.59 -12.10 -6.24
C GLY C 63 14.37 -11.67 -7.03
N GLU C 64 13.62 -12.64 -7.54
CA GLU C 64 12.42 -12.35 -8.31
C GLU C 64 11.19 -12.51 -7.42
N LYS C 65 11.41 -12.71 -6.12
CA LYS C 65 10.32 -12.90 -5.19
C LYS C 65 10.05 -11.66 -4.35
N ILE C 66 8.79 -11.48 -3.98
CA ILE C 66 8.40 -10.35 -3.14
C ILE C 66 7.54 -10.84 -1.99
N PHE C 67 7.96 -10.51 -0.77
CA PHE C 67 7.22 -10.85 0.44
C PHE C 67 6.45 -9.60 0.87
N LYS C 68 5.19 -9.77 1.26
CA LYS C 68 4.43 -8.63 1.76
C LYS C 68 3.55 -9.10 2.91
N THR C 69 3.62 -8.35 4.01
CA THR C 69 2.81 -8.70 5.17
C THR C 69 1.51 -7.93 5.16
N ALA C 70 0.46 -8.57 5.67
CA ALA C 70 -0.86 -7.95 5.75
C ALA C 70 -0.91 -7.03 6.97
N GLY C 71 0.07 -7.16 7.86
CA GLY C 71 0.12 -6.34 9.04
C GLY C 71 -0.67 -6.85 10.23
N PHE C 72 -1.40 -7.95 10.05
CA PHE C 72 -2.19 -8.53 11.14
C PHE C 72 -2.01 -10.04 11.23
N VAL C 73 -2.54 -10.65 12.30
CA VAL C 73 -2.42 -12.08 12.50
C VAL C 73 -3.70 -12.84 12.21
N LYS C 74 -3.56 -14.11 11.84
CA LYS C 74 -4.69 -14.99 11.54
C LYS C 74 -4.24 -16.44 11.73
N PRO C 75 -5.20 -17.37 11.90
CA PRO C 75 -4.80 -18.78 12.05
C PRO C 75 -4.35 -19.23 10.67
N PHE C 76 -3.66 -20.36 10.59
CA PHE C 76 -3.15 -20.85 9.32
C PHE C 76 -4.11 -20.92 8.12
N THR C 77 -5.23 -21.62 8.27
CA THR C 77 -6.19 -21.75 7.17
C THR C 77 -6.65 -20.41 6.60
N GLU C 78 -6.92 -19.44 7.47
CA GLU C 78 -7.38 -18.13 7.04
C GLU C 78 -6.25 -17.40 6.35
N ALA C 79 -5.06 -17.45 6.94
CA ALA C 79 -3.90 -16.80 6.35
C ALA C 79 -3.61 -17.35 4.96
N GLN C 80 -3.67 -18.68 4.83
CA GLN C 80 -3.42 -19.35 3.57
C GLN C 80 -4.41 -18.95 2.47
N LEU C 81 -5.69 -18.81 2.85
CA LEU C 81 -6.71 -18.43 1.90
C LEU C 81 -6.54 -17.00 1.42
N LEU C 82 -6.14 -16.11 2.32
CA LEU C 82 -5.93 -14.70 1.97
C LEU C 82 -4.85 -14.61 0.89
N CYS C 83 -3.76 -15.35 1.08
CA CYS C 83 -2.66 -15.33 0.12
C CYS C 83 -3.07 -15.89 -1.23
N THR C 84 -3.72 -17.05 -1.24
CA THR C 84 -4.12 -17.65 -2.50
C THR C 84 -5.15 -16.79 -3.24
N GLN C 85 -6.07 -16.20 -2.49
CA GLN C 85 -7.09 -15.35 -3.08
C GLN C 85 -6.47 -14.09 -3.66
N ALA C 86 -5.32 -13.70 -3.13
CA ALA C 86 -4.63 -12.50 -3.61
C ALA C 86 -3.73 -12.84 -4.80
N GLY C 87 -3.73 -14.10 -5.20
CA GLY C 87 -2.92 -14.51 -6.33
C GLY C 87 -1.51 -14.94 -5.98
N GLY C 88 -1.24 -15.18 -4.69
CA GLY C 88 0.08 -15.61 -4.28
C GLY C 88 -0.03 -16.81 -3.35
N GLN C 89 0.87 -16.90 -2.38
CA GLN C 89 0.81 -17.99 -1.41
C GLN C 89 1.54 -17.56 -0.15
N LEU C 90 1.41 -18.34 0.91
CA LEU C 90 2.06 -18.02 2.17
C LEU C 90 3.57 -18.03 1.96
N ALA C 91 4.28 -17.20 2.72
CA ALA C 91 5.73 -17.10 2.64
C ALA C 91 6.36 -18.48 2.64
N SER C 92 7.19 -18.74 1.62
CA SER C 92 7.89 -20.02 1.47
C SER C 92 9.37 -19.78 1.17
N PRO C 93 10.15 -19.39 2.20
CA PRO C 93 11.59 -19.14 1.99
C PRO C 93 12.30 -20.40 1.52
N ARG C 94 13.01 -20.31 0.40
CA ARG C 94 13.70 -21.46 -0.17
C ARG C 94 15.22 -21.34 -0.13
N SER C 95 15.71 -20.32 0.55
CA SER C 95 17.14 -20.10 0.68
C SER C 95 17.42 -19.19 1.86
N ALA C 96 18.68 -19.12 2.27
CA ALA C 96 19.07 -18.28 3.37
C ALA C 96 18.74 -16.83 3.06
N ALA C 97 18.94 -16.44 1.79
CA ALA C 97 18.68 -15.08 1.35
C ALA C 97 17.19 -14.73 1.47
N GLU C 98 16.33 -15.66 1.09
CA GLU C 98 14.89 -15.43 1.18
C GLU C 98 14.47 -15.39 2.64
N ASN C 99 15.03 -16.29 3.44
CA ASN C 99 14.69 -16.31 4.87
C ASN C 99 15.07 -15.02 5.57
N ALA C 100 16.21 -14.45 5.20
CA ALA C 100 16.67 -13.20 5.80
C ALA C 100 15.75 -12.04 5.43
N ALA C 101 15.28 -12.03 4.19
CA ALA C 101 14.37 -10.99 3.72
C ALA C 101 13.06 -11.09 4.49
N LEU C 102 12.55 -12.31 4.61
CA LEU C 102 11.30 -12.54 5.34
C LEU C 102 11.46 -12.15 6.80
N GLN C 103 12.61 -12.49 7.38
CA GLN C 103 12.88 -12.17 8.78
C GLN C 103 12.78 -10.66 9.03
N GLN C 104 13.16 -9.86 8.04
CA GLN C 104 13.10 -8.42 8.18
C GLN C 104 11.69 -7.94 8.51
N LEU C 105 10.69 -8.50 7.84
CA LEU C 105 9.31 -8.12 8.07
C LEU C 105 8.85 -8.57 9.46
N VAL C 106 9.25 -9.78 9.84
CA VAL C 106 8.89 -10.33 11.15
C VAL C 106 9.48 -9.46 12.26
N VAL C 107 10.74 -9.06 12.08
CA VAL C 107 11.42 -8.21 13.05
C VAL C 107 10.76 -6.84 13.09
N ALA C 108 10.41 -6.32 11.92
CA ALA C 108 9.75 -5.02 11.82
C ALA C 108 8.41 -4.99 12.54
N LYS C 109 7.61 -6.04 12.36
CA LYS C 109 6.31 -6.09 13.01
C LYS C 109 6.42 -6.69 14.40
N ASN C 110 7.59 -7.23 14.72
CA ASN C 110 7.82 -7.86 16.01
C ASN C 110 6.75 -8.94 16.24
N GLU C 111 6.45 -9.69 15.17
CA GLU C 111 5.45 -10.74 15.25
C GLU C 111 5.85 -11.95 14.42
N ALA C 112 5.92 -13.12 15.05
CA ALA C 112 6.27 -14.35 14.35
C ALA C 112 5.21 -14.58 13.26
N ALA C 113 5.65 -15.11 12.13
CA ALA C 113 4.75 -15.34 11.00
C ALA C 113 4.65 -16.80 10.59
N PHE C 114 3.57 -17.13 9.92
CA PHE C 114 3.36 -18.49 9.42
C PHE C 114 4.09 -18.65 8.08
N LEU C 115 4.62 -19.85 7.86
CA LEU C 115 5.24 -20.19 6.59
C LEU C 115 4.16 -21.01 5.88
N SER C 116 4.40 -21.38 4.63
CA SER C 116 3.42 -22.13 3.87
C SER C 116 3.45 -23.63 4.10
N MET C 117 4.59 -24.12 4.59
CA MET C 117 4.81 -25.54 4.77
C MET C 117 4.15 -26.22 5.97
N THR C 118 3.75 -27.48 5.78
CA THR C 118 3.11 -28.26 6.83
C THR C 118 3.39 -29.76 6.67
N ASP C 119 3.19 -30.52 7.74
CA ASP C 119 3.35 -31.98 7.70
C ASP C 119 1.99 -32.59 8.04
N SER C 120 0.93 -31.93 7.57
CA SER C 120 -0.44 -32.37 7.80
C SER C 120 -0.77 -33.68 7.11
N LYS C 121 -0.16 -33.93 5.95
CA LYS C 121 -0.42 -35.17 5.23
C LYS C 121 0.27 -36.33 5.94
N THR C 122 1.60 -36.26 6.03
CA THR C 122 2.38 -37.28 6.70
C THR C 122 3.15 -36.66 7.86
N GLU C 123 2.72 -36.97 9.08
CA GLU C 123 3.38 -36.46 10.28
C GLU C 123 4.89 -36.69 10.22
N GLY C 124 5.67 -35.63 10.47
CA GLY C 124 7.11 -35.75 10.44
C GLY C 124 7.75 -35.40 9.10
N LYS C 125 6.91 -35.18 8.09
CA LYS C 125 7.41 -34.82 6.76
C LYS C 125 6.78 -33.51 6.30
N PHE C 126 7.54 -32.43 6.38
CA PHE C 126 7.03 -31.12 5.97
C PHE C 126 7.16 -30.92 4.46
N THR C 127 6.10 -30.40 3.86
CA THR C 127 6.05 -30.18 2.43
C THR C 127 5.52 -28.79 2.07
N TYR C 128 5.78 -28.37 0.83
CA TYR C 128 5.29 -27.10 0.32
C TYR C 128 3.85 -27.37 -0.09
N PRO C 129 3.07 -26.30 -0.38
CA PRO C 129 1.69 -26.53 -0.78
C PRO C 129 1.56 -27.45 -1.99
N THR C 130 2.56 -27.43 -2.88
CA THR C 130 2.54 -28.28 -4.06
C THR C 130 2.63 -29.74 -3.65
N GLY C 131 3.31 -30.00 -2.54
CA GLY C 131 3.45 -31.35 -2.06
C GLY C 131 4.88 -31.82 -2.07
N GLU C 132 5.76 -31.00 -2.64
CA GLU C 132 7.17 -31.34 -2.73
C GLU C 132 7.85 -31.18 -1.37
N SER C 133 8.92 -31.94 -1.14
CA SER C 133 9.67 -31.89 0.11
C SER C 133 10.50 -30.61 0.21
N LEU C 134 10.76 -30.16 1.42
CA LEU C 134 11.55 -28.95 1.66
C LEU C 134 12.92 -28.98 0.98
N VAL C 135 13.29 -27.86 0.35
CA VAL C 135 14.59 -27.76 -0.32
C VAL C 135 15.54 -26.92 0.52
N TYR C 136 15.02 -26.39 1.62
CA TYR C 136 15.79 -25.57 2.54
C TYR C 136 15.01 -25.50 3.85
N SER C 137 15.73 -25.43 4.96
CA SER C 137 15.10 -25.34 6.27
C SER C 137 16.01 -24.56 7.22
N ASN C 138 15.40 -23.97 8.24
CA ASN C 138 16.12 -23.19 9.24
C ASN C 138 15.51 -23.45 10.63
N TRP C 139 15.29 -24.71 10.96
CA TRP C 139 14.70 -25.08 12.25
C TRP C 139 15.53 -24.63 13.45
N ALA C 140 14.84 -24.21 14.51
CA ALA C 140 15.52 -23.83 15.74
C ALA C 140 15.95 -25.18 16.35
N PRO C 141 16.93 -25.17 17.27
CA PRO C 141 17.38 -26.42 17.88
C PRO C 141 16.24 -27.28 18.45
N GLY C 142 16.23 -28.56 18.10
CA GLY C 142 15.19 -29.45 18.62
C GLY C 142 13.89 -29.48 17.84
N GLU C 143 13.73 -28.56 16.89
CA GLU C 143 12.53 -28.50 16.07
C GLU C 143 12.74 -29.18 14.72
N PRO C 144 11.67 -29.70 14.11
CA PRO C 144 10.28 -29.71 14.59
C PRO C 144 10.07 -30.81 15.64
N ASN C 145 9.25 -30.55 16.66
CA ASN C 145 9.02 -31.54 17.71
C ASN C 145 7.57 -31.98 17.94
N ASP C 146 6.67 -31.58 17.05
CA ASP C 146 5.26 -31.94 17.15
C ASP C 146 4.78 -31.89 18.60
N ASP C 147 5.04 -30.78 19.27
CA ASP C 147 4.67 -30.62 20.67
C ASP C 147 3.19 -30.92 20.94
N GLY C 148 2.95 -31.70 22.00
CA GLY C 148 1.58 -32.04 22.32
C GLY C 148 0.92 -32.91 21.27
N GLY C 149 1.73 -33.39 20.33
CA GLY C 149 1.23 -34.24 19.25
C GLY C 149 0.30 -33.51 18.31
N SER C 150 0.41 -32.19 18.24
CA SER C 150 -0.47 -31.41 17.40
C SER C 150 0.13 -30.15 16.76
N GLU C 151 1.35 -30.23 16.25
CA GLU C 151 1.98 -29.07 15.62
C GLU C 151 2.30 -29.46 14.18
N ASP C 152 1.48 -29.01 13.24
CA ASP C 152 1.68 -29.34 11.83
C ASP C 152 2.00 -28.14 10.94
N CYS C 153 2.01 -26.95 11.53
CA CYS C 153 2.32 -25.74 10.79
C CYS C 153 3.69 -25.20 11.23
N VAL C 154 4.22 -24.20 10.54
CA VAL C 154 5.53 -23.66 10.87
C VAL C 154 5.52 -22.14 11.02
N GLU C 155 6.17 -21.64 12.07
CA GLU C 155 6.27 -20.21 12.30
C GLU C 155 7.74 -19.83 12.22
N ILE C 156 8.02 -18.58 11.85
CA ILE C 156 9.38 -18.08 11.79
C ILE C 156 9.48 -16.98 12.86
N PHE C 157 10.48 -17.10 13.73
CA PHE C 157 10.70 -16.14 14.81
C PHE C 157 11.48 -14.91 14.33
N THR C 158 11.56 -13.90 15.21
CA THR C 158 12.28 -12.68 14.86
C THR C 158 13.76 -12.97 14.62
N ASN C 159 14.26 -14.10 15.11
CA ASN C 159 15.66 -14.45 14.89
C ASN C 159 15.83 -15.24 13.59
N GLY C 160 14.73 -15.42 12.87
CA GLY C 160 14.78 -16.12 11.60
C GLY C 160 14.64 -17.63 11.67
N LYS C 161 14.74 -18.20 12.86
CA LYS C 161 14.63 -19.65 13.02
C LYS C 161 13.18 -20.11 12.97
N TRP C 162 12.98 -21.37 12.58
CA TRP C 162 11.65 -21.94 12.45
C TRP C 162 11.27 -22.86 13.60
N ASN C 163 9.96 -22.93 13.86
CA ASN C 163 9.41 -23.80 14.89
C ASN C 163 8.06 -24.33 14.41
N ASP C 164 7.82 -25.63 14.54
CA ASP C 164 6.52 -26.12 14.14
C ASP C 164 5.52 -25.70 15.25
N ARG C 165 4.35 -25.22 14.84
CA ARG C 165 3.35 -24.72 15.77
C ARG C 165 1.95 -25.18 15.37
N ALA C 166 1.03 -25.19 16.32
CA ALA C 166 -0.34 -25.62 16.03
C ALA C 166 -0.95 -24.68 15.00
N CYS C 167 -1.58 -25.26 13.98
CA CYS C 167 -2.20 -24.47 12.91
C CYS C 167 -3.31 -23.53 13.38
N GLY C 168 -3.92 -23.85 14.52
CA GLY C 168 -4.99 -23.02 15.05
C GLY C 168 -4.55 -21.71 15.65
N GLU C 169 -3.26 -21.60 16.01
CA GLU C 169 -2.72 -20.38 16.60
C GLU C 169 -2.74 -19.23 15.58
N LYS C 170 -2.69 -18.01 16.08
CA LYS C 170 -2.70 -16.81 15.23
C LYS C 170 -1.29 -16.23 15.05
N ARG C 171 -0.85 -16.11 13.80
CA ARG C 171 0.48 -15.57 13.50
C ARG C 171 0.41 -14.52 12.39
N LEU C 172 1.46 -13.70 12.27
CA LEU C 172 1.51 -12.66 11.26
C LEU C 172 1.31 -13.25 9.87
N VAL C 173 0.47 -12.58 9.07
CA VAL C 173 0.20 -13.04 7.71
C VAL C 173 1.17 -12.39 6.72
N VAL C 174 1.97 -13.23 6.07
CA VAL C 174 2.92 -12.75 5.08
C VAL C 174 2.80 -13.61 3.82
N CYS C 175 2.51 -12.98 2.69
CA CYS C 175 2.38 -13.72 1.44
C CYS C 175 3.55 -13.42 0.53
N GLU C 176 3.76 -14.29 -0.46
CA GLU C 176 4.85 -14.09 -1.42
C GLU C 176 4.23 -14.02 -2.82
N PHE C 177 4.81 -13.17 -3.65
CA PHE C 177 4.35 -12.95 -5.02
C PHE C 177 5.55 -12.98 -5.97
C1 GLC D . 3.08 22.23 24.81
C2 GLC D . 3.61 23.55 25.36
C3 GLC D . 4.75 24.05 24.46
C4 GLC D . 5.82 22.97 24.33
C5 GLC D . 5.22 21.64 23.86
C6 GLC D . 6.24 20.53 23.91
O1 GLC D . 2.58 22.42 23.52
O2 GLC D . 2.58 24.51 25.40
O3 GLC D . 5.33 25.21 25.03
O4 GLC D . 6.83 23.42 23.40
O5 GLC D . 4.14 21.26 24.74
O6 GLC D . 6.73 20.34 25.22
C1 GLC D . 8.04 23.73 24.04
C2 GLC D . 8.84 24.73 23.20
C3 GLC D . 9.47 24.06 21.98
C4 GLC D . 10.24 22.81 22.38
C5 GLC D . 9.36 21.87 23.20
C6 GLC D . 10.13 20.69 23.73
O2 GLC D . 7.99 25.79 22.78
O3 GLC D . 10.35 24.98 21.35
O4 GLC D . 10.71 22.13 21.23
O5 GLC D . 8.81 22.58 24.35
O6 GLC D . 9.31 19.86 24.53
CA CA E . 12.04 23.89 19.83
CA CA F . 20.08 22.29 17.88
CA CA G . 23.23 20.47 19.31
C1 GLC H . -32.42 -0.73 11.06
C2 GLC H . -33.38 -0.54 9.88
C3 GLC H . -32.70 0.32 8.80
C4 GLC H . -32.21 1.63 9.39
C5 GLC H . -31.33 1.36 10.60
C6 GLC H . -30.93 2.64 11.29
O1 GLC H . -31.28 -1.40 10.64
O2 GLC H . -33.72 -1.81 9.35
O3 GLC H . -33.61 0.60 7.76
O4 GLC H . -31.47 2.33 8.42
O5 GLC H . -32.03 0.55 11.58
O6 GLC H . -30.80 2.44 12.69
CA CA I . -32.65 2.39 6.18
CA CA J . -33.56 9.68 2.09
CA CA K . -33.69 13.51 2.68
C1 GLC L . 7.88 -24.32 23.20
C2 GLC L . 8.55 -25.45 22.42
C3 GLC L . 8.08 -25.42 20.95
C4 GLC L . 6.56 -25.48 20.90
C5 GLC L . 5.97 -24.35 21.75
C6 GLC L . 4.46 -24.42 21.82
O1 GLC L . 8.25 -23.10 22.67
O2 GLC L . 9.96 -25.28 22.47
O3 GLC L . 8.64 -26.53 20.26
O4 GLC L . 6.13 -25.35 19.55
O5 GLC L . 6.46 -24.43 23.11
O6 GLC L . 3.98 -23.86 23.03
CA CA M . 7.53 -27.00 18.02
CA CA N . 3.54 -32.37 13.07
CA CA O . 0.14 -34.21 12.67
#